data_4NEG
#
_entry.id   4NEG
#
_cell.length_a   200.762
_cell.length_b   49.037
_cell.length_c   76.494
_cell.angle_alpha   90.00
_cell.angle_beta   99.35
_cell.angle_gamma   90.00
#
_symmetry.space_group_name_H-M   'C 1 2 1'
#
loop_
_entity.id
_entity.type
_entity.pdbx_description
1 polymer 'Tryptophan synthase beta chain'
2 non-polymer 'SULFATE ION'
3 non-polymer 'FORMIC ACID'
4 non-polymer GLYCEROL
5 water water
#
_entity_poly.entity_id   1
_entity_poly.type   'polypeptide(L)'
_entity_poly.pdbx_seq_one_letter_code
;SNA(MSE)NYAYPDEKGHYGIYGGRYVPETL(MSE)QSVLELEEAYKEA(MSE)EDEAFQKELNHYLKTYVGRETPLYFA
EN(MSE)TEYCGGAKIYLKREDLNHTGAHKINNTIGQALLAVR(MSE)GKKKVVAETGAGQHGVATATVCALLGLECVIF
(MSE)GEEDVRRQKLNVFR(MSE)ELLGAKVESVAAGSGTLKDAVNEALRYWVSHVHDTHYI(MSE)GSVLGPHPFPQIV
RDFQSVIGNETKKQYEALEGKLPEAVVACIGGGSNA(MSE)G(MSE)FYPFVHDEEVALYGVEAAGKGVHTEKHAATLTK
GSVGVLHGS(MSE)(MSE)YLLQNEEGQIQEAHSISAGLDYPGVGPEHSLLKDIGRVSYHSITDDEALEAFQLLTKKEGI
IPALESSHAVAYALKLAPQ(MSE)KEDEGLVICLSGRGDKDVESIKRY(MSE)EEV
;
_entity_poly.pdbx_strand_id   A,B
#
# COMPACT_ATOMS: atom_id res chain seq x y z
N VAL A 23 22.97 18.12 29.29
CA VAL A 23 21.79 17.25 29.16
C VAL A 23 20.71 17.59 30.19
N PRO A 24 19.44 17.52 29.78
CA PRO A 24 18.28 17.71 30.66
C PRO A 24 18.18 16.58 31.69
N GLU A 25 17.62 16.86 32.86
CA GLU A 25 17.41 15.83 33.87
C GLU A 25 15.94 15.76 34.24
N THR A 26 15.14 16.61 33.61
CA THR A 26 13.72 16.67 33.91
C THR A 26 12.92 16.67 32.61
N LEU A 27 11.65 16.29 32.71
CA LEU A 27 10.74 16.37 31.58
C LEU A 27 10.68 17.81 31.07
N GLN A 29 12.86 20.19 31.05
CA GLN A 29 14.05 20.54 30.29
C GLN A 29 14.15 19.75 28.99
N SER A 30 13.77 18.48 29.06
CA SER A 30 13.70 17.64 27.87
C SER A 30 12.80 18.29 26.84
N VAL A 31 11.66 18.80 27.30
CA VAL A 31 10.69 19.46 26.41
C VAL A 31 11.21 20.78 25.82
N LEU A 32 11.87 21.59 26.63
CA LEU A 32 12.50 22.81 26.13
C LEU A 32 13.58 22.52 25.08
N GLU A 33 14.40 21.49 25.33
CA GLU A 33 15.39 21.04 24.35
C GLU A 33 14.71 20.66 23.02
N LEU A 34 13.63 19.89 23.12
CA LEU A 34 12.83 19.54 21.95
C LEU A 34 12.28 20.77 21.23
N GLU A 35 11.72 21.70 21.99
CA GLU A 35 11.06 22.87 21.43
C GLU A 35 12.03 23.66 20.55
N GLU A 36 13.19 23.99 21.13
CA GLU A 36 14.22 24.72 20.39
C GLU A 36 14.74 23.94 19.17
N ALA A 37 14.95 22.64 19.31
CA ALA A 37 15.46 21.82 18.22
C ALA A 37 14.45 21.78 17.07
N TYR A 38 13.17 21.67 17.43
CA TYR A 38 12.09 21.64 16.44
C TYR A 38 12.00 22.95 15.69
N LYS A 39 12.02 24.07 16.40
CA LYS A 39 11.97 25.38 15.78
C LYS A 39 13.07 25.55 14.73
N GLU A 40 14.32 25.24 15.11
CA GLU A 40 15.46 25.34 14.20
C GLU A 40 15.31 24.42 12.98
N ALA A 41 14.93 23.17 13.21
CA ALA A 41 14.73 22.24 12.10
C ALA A 41 13.72 22.79 11.10
N GLU A 43 12.95 25.63 10.22
CA GLU A 43 13.39 26.78 9.46
C GLU A 43 14.68 26.47 8.69
N ASP A 44 15.09 25.20 8.76
CA ASP A 44 16.25 24.72 8.02
C ASP A 44 15.77 24.16 6.69
N GLU A 45 16.06 24.86 5.59
CA GLU A 45 15.59 24.47 4.27
C GLU A 45 16.11 23.10 3.84
N ALA A 46 17.34 22.80 4.27
CA ALA A 46 17.88 21.47 4.06
C ALA A 46 17.09 20.39 4.81
N PHE A 47 16.51 20.75 5.95
CA PHE A 47 15.68 19.78 6.67
C PHE A 47 14.38 19.51 5.93
N GLN A 48 13.78 20.55 5.36
CA GLN A 48 12.51 20.37 4.66
C GLN A 48 12.74 19.60 3.37
N LYS A 49 13.90 19.84 2.75
CA LYS A 49 14.24 19.15 1.51
C LYS A 49 14.40 17.65 1.77
N GLU A 50 15.19 17.29 2.78
CA GLU A 50 15.42 15.89 3.10
C GLU A 50 14.11 15.20 3.45
N LEU A 51 13.35 15.81 4.36
CA LEU A 51 12.05 15.30 4.74
C LEU A 51 11.19 15.00 3.50
N ASN A 52 11.04 15.98 2.61
CA ASN A 52 10.23 15.78 1.41
C ASN A 52 10.77 14.67 0.53
N HIS A 53 12.09 14.53 0.52
CA HIS A 53 12.73 13.48 -0.26
C HIS A 53 12.26 12.11 0.21
N TYR A 54 12.27 11.89 1.52
CA TYR A 54 11.81 10.62 2.08
C TYR A 54 10.30 10.43 1.99
N LEU A 55 9.55 11.51 2.14
CA LEU A 55 8.09 11.41 1.96
C LEU A 55 7.75 10.94 0.54
N LYS A 56 8.41 11.53 -0.45
CA LYS A 56 8.20 11.15 -1.85
C LYS A 56 8.70 9.74 -2.15
N THR A 57 10.00 9.52 -1.99
CA THR A 57 10.62 8.30 -2.51
C THR A 57 10.51 7.10 -1.57
N TYR A 58 10.32 7.34 -0.28
CA TYR A 58 10.23 6.19 0.64
C TYR A 58 8.79 5.91 1.00
N VAL A 59 8.12 6.91 1.56
CA VAL A 59 6.73 6.79 1.95
C VAL A 59 5.78 6.71 0.74
N GLY A 60 6.08 7.46 -0.32
CA GLY A 60 5.32 7.36 -1.55
C GLY A 60 4.25 8.43 -1.72
N ARG A 61 4.41 9.54 -0.99
CA ARG A 61 3.49 10.66 -1.12
C ARG A 61 3.74 11.35 -2.46
N GLU A 62 2.74 12.04 -3.03
CA GLU A 62 1.41 12.21 -2.46
C GLU A 62 0.59 10.94 -2.62
N THR A 63 -0.35 10.71 -1.71
CA THR A 63 -1.27 9.60 -1.88
C THR A 63 -2.37 10.06 -2.80
N PRO A 64 -2.99 9.13 -3.55
CA PRO A 64 -4.03 9.63 -4.45
C PRO A 64 -5.34 9.97 -3.71
N LEU A 65 -6.09 10.90 -4.29
CA LEU A 65 -7.47 11.11 -3.89
C LEU A 65 -8.33 10.35 -4.91
N TYR A 66 -8.99 9.29 -4.45
CA TYR A 66 -9.69 8.40 -5.36
C TYR A 66 -11.20 8.64 -5.39
N PHE A 67 -11.76 8.78 -6.59
CA PHE A 67 -13.22 8.93 -6.75
C PHE A 67 -13.93 7.58 -6.67
N ALA A 68 -14.73 7.37 -5.64
CA ALA A 68 -15.44 6.10 -5.48
C ALA A 68 -16.79 6.11 -6.22
N GLU A 69 -16.74 5.81 -7.52
CA GLU A 69 -17.94 5.94 -8.36
C GLU A 69 -19.08 5.00 -7.97
N ASN A 70 -18.77 3.75 -7.66
CA ASN A 70 -19.83 2.84 -7.25
C ASN A 70 -20.43 3.22 -5.89
N THR A 72 -20.55 6.12 -4.77
CA THR A 72 -21.30 7.35 -5.02
C THR A 72 -22.69 7.05 -5.59
N GLU A 73 -22.75 6.15 -6.57
CA GLU A 73 -24.03 5.75 -7.14
C GLU A 73 -24.91 5.12 -6.06
N TYR A 74 -24.28 4.27 -5.23
CA TYR A 74 -25.03 3.54 -4.21
C TYR A 74 -25.79 4.49 -3.29
N CYS A 75 -25.10 5.49 -2.74
CA CYS A 75 -25.71 6.42 -1.79
C CYS A 75 -26.68 7.39 -2.45
N GLY A 76 -26.46 7.67 -3.73
CA GLY A 76 -27.37 8.54 -4.47
C GLY A 76 -27.29 10.01 -4.11
N GLY A 77 -26.22 10.42 -3.44
CA GLY A 77 -26.08 11.79 -2.95
C GLY A 77 -24.74 12.42 -3.35
N ALA A 78 -23.94 12.81 -2.37
CA ALA A 78 -22.69 13.51 -2.68
C ALA A 78 -21.68 12.61 -3.37
N LYS A 79 -20.79 13.19 -4.17
CA LYS A 79 -19.64 12.43 -4.68
C LYS A 79 -18.78 12.02 -3.49
N ILE A 80 -18.27 10.80 -3.52
CA ILE A 80 -17.52 10.27 -2.40
C ILE A 80 -16.09 10.01 -2.83
N TYR A 81 -15.15 10.71 -2.22
CA TYR A 81 -13.72 10.54 -2.50
C TYR A 81 -13.04 9.88 -1.34
N LEU A 82 -12.05 9.06 -1.63
CA LEU A 82 -11.29 8.36 -0.60
C LEU A 82 -9.85 8.88 -0.66
N LYS A 83 -9.39 9.49 0.42
CA LYS A 83 -7.98 9.88 0.54
C LYS A 83 -7.21 8.62 0.91
N ARG A 84 -6.40 8.12 -0.02
CA ARG A 84 -5.82 6.77 0.08
C ARG A 84 -4.53 6.67 0.90
N GLU A 85 -4.62 6.90 2.20
CA GLU A 85 -3.48 6.78 3.09
C GLU A 85 -3.07 5.32 3.25
N ASP A 86 -3.95 4.42 2.81
CA ASP A 86 -3.62 2.99 2.82
C ASP A 86 -2.51 2.67 1.83
N LEU A 87 -2.27 3.58 0.89
CA LEU A 87 -1.22 3.39 -0.12
C LEU A 87 0.19 3.86 0.29
N ASN A 88 0.33 4.38 1.51
CA ASN A 88 1.65 4.69 2.05
C ASN A 88 2.43 3.42 2.26
N HIS A 89 3.77 3.51 2.23
CA HIS A 89 4.61 2.47 2.82
C HIS A 89 4.15 2.29 4.27
N THR A 90 4.01 1.03 4.71
CA THR A 90 3.46 0.58 5.99
C THR A 90 1.96 0.38 5.94
N GLY A 91 1.30 1.01 4.97
CA GLY A 91 -0.14 0.84 4.83
C GLY A 91 -0.96 1.82 5.67
N ALA A 92 -0.28 2.65 6.45
CA ALA A 92 -0.98 3.65 7.24
C ALA A 92 -0.27 5.00 7.20
N HIS A 93 -0.85 5.99 7.89
CA HIS A 93 -0.36 7.37 7.79
C HIS A 93 0.53 7.76 8.98
N LYS A 94 0.76 6.84 9.90
CA LYS A 94 1.57 7.14 11.09
C LYS A 94 3.01 7.47 10.69
N ILE A 95 3.47 6.87 9.60
CA ILE A 95 4.82 7.11 9.13
C ILE A 95 5.08 8.58 8.82
N ASN A 96 4.04 9.32 8.43
CA ASN A 96 4.22 10.74 8.11
C ASN A 96 4.82 11.47 9.31
N ASN A 97 4.41 11.04 10.50
CA ASN A 97 4.91 11.65 11.74
C ASN A 97 6.24 11.07 12.20
N THR A 98 6.41 9.74 12.12
CA THR A 98 7.65 9.12 12.59
C THR A 98 8.87 9.56 11.77
N ILE A 99 8.69 9.71 10.46
CA ILE A 99 9.82 10.06 9.60
C ILE A 99 10.26 11.50 9.89
N GLY A 100 9.28 12.38 10.13
CA GLY A 100 9.59 13.75 10.52
C GLY A 100 10.39 13.81 11.81
N GLN A 101 9.95 13.08 12.84
CA GLN A 101 10.61 13.13 14.15
C GLN A 101 11.93 12.34 14.19
N ALA A 102 12.01 11.26 13.42
CA ALA A 102 13.25 10.51 13.35
C ALA A 102 14.33 11.37 12.70
N LEU A 103 13.97 12.04 11.62
CA LEU A 103 14.89 12.99 10.99
C LEU A 103 15.24 14.11 11.98
N LEU A 104 14.26 14.60 12.72
CA LEU A 104 14.55 15.62 13.75
C LEU A 104 15.59 15.09 14.72
N ALA A 105 15.42 13.83 15.14
CA ALA A 105 16.37 13.16 16.03
C ALA A 105 17.79 13.16 15.48
N VAL A 106 17.93 12.80 14.20
CA VAL A 106 19.23 12.78 13.57
C VAL A 106 19.84 14.18 13.61
N ARG A 107 19.03 15.17 13.27
CA ARG A 107 19.48 16.56 13.29
C ARG A 107 19.89 17.01 14.71
N GLY A 109 21.17 15.05 16.72
CA GLY A 109 22.40 14.31 16.94
C GLY A 109 22.19 13.12 17.86
N LYS A 110 20.99 12.55 17.84
CA LYS A 110 20.69 11.41 18.68
C LYS A 110 20.63 10.13 17.85
N LYS A 111 21.10 9.03 18.43
CA LYS A 111 21.17 7.78 17.69
C LYS A 111 20.18 6.75 18.22
N LYS A 112 19.35 7.16 19.18
CA LYS A 112 18.39 6.26 19.79
C LYS A 112 16.99 6.84 19.82
N VAL A 113 16.00 5.95 19.88
CA VAL A 113 14.60 6.36 19.82
C VAL A 113 13.77 5.55 20.80
N VAL A 114 12.83 6.23 21.47
CA VAL A 114 11.83 5.55 22.28
C VAL A 114 10.45 5.97 21.78
N ALA A 115 9.49 5.04 21.82
CA ALA A 115 8.12 5.35 21.43
C ALA A 115 7.13 4.53 22.23
N GLU A 116 5.89 4.99 22.23
CA GLU A 116 4.78 4.26 22.83
C GLU A 116 3.93 3.80 21.67
N THR A 117 3.19 2.72 21.85
CA THR A 117 2.22 2.36 20.84
C THR A 117 1.03 1.70 21.49
N GLY A 118 -0.16 1.93 20.93
CA GLY A 118 -1.36 1.27 21.40
C GLY A 118 -1.67 0.04 20.60
N ALA A 119 -2.31 0.23 19.44
CA ALA A 119 -2.66 -0.89 18.59
C ALA A 119 -1.49 -1.29 17.68
N GLY A 120 -0.39 -0.55 17.75
CA GLY A 120 0.83 -0.99 17.12
C GLY A 120 1.22 -0.24 15.86
N GLN A 121 0.28 0.46 15.23
CA GLN A 121 0.56 1.21 14.01
C GLN A 121 1.69 2.22 14.22
N HIS A 122 1.59 3.01 15.29
CA HIS A 122 2.65 3.99 15.56
C HIS A 122 3.96 3.27 15.83
N GLY A 123 3.88 2.17 16.57
CA GLY A 123 5.05 1.36 16.86
C GLY A 123 5.75 0.90 15.59
N VAL A 124 5.00 0.27 14.69
CA VAL A 124 5.55 -0.22 13.44
C VAL A 124 6.14 0.93 12.63
N ALA A 125 5.43 2.06 12.56
CA ALA A 125 5.91 3.21 11.79
C ALA A 125 7.20 3.78 12.40
N THR A 126 7.29 3.74 13.74
CA THR A 126 8.52 4.14 14.42
C THR A 126 9.69 3.18 14.14
N ALA A 127 9.45 1.87 14.25
CA ALA A 127 10.53 0.90 14.03
C ALA A 127 10.98 0.95 12.58
N THR A 128 10.03 1.15 11.68
CA THR A 128 10.33 1.19 10.25
C THR A 128 11.37 2.28 9.96
N VAL A 129 11.12 3.47 10.48
CA VAL A 129 12.00 4.61 10.19
C VAL A 129 13.33 4.54 10.95
N CYS A 130 13.35 3.90 12.12
CA CYS A 130 14.62 3.66 12.82
C CYS A 130 15.48 2.64 12.09
N ALA A 131 14.84 1.64 11.48
CA ALA A 131 15.56 0.67 10.66
C ALA A 131 16.22 1.43 9.53
N LEU A 132 15.43 2.32 8.92
CA LEU A 132 15.88 3.10 7.76
C LEU A 132 17.06 4.03 8.10
N LEU A 133 16.95 4.75 9.22
CA LEU A 133 17.94 5.79 9.55
C LEU A 133 19.04 5.31 10.49
N GLY A 134 18.99 4.02 10.87
CA GLY A 134 20.06 3.44 11.67
C GLY A 134 19.96 3.81 13.15
N LEU A 135 18.74 4.06 13.60
CA LEU A 135 18.51 4.40 15.01
C LEU A 135 18.08 3.17 15.82
N GLU A 136 18.62 3.05 17.03
CA GLU A 136 18.12 2.08 18.00
C GLU A 136 16.70 2.45 18.38
N CYS A 137 15.87 1.44 18.61
CA CYS A 137 14.46 1.65 18.83
C CYS A 137 13.97 0.86 20.03
N VAL A 138 13.40 1.56 21.00
CA VAL A 138 12.72 0.93 22.13
C VAL A 138 11.26 1.36 22.08
N ILE A 139 10.35 0.40 22.08
CA ILE A 139 8.93 0.70 22.00
C ILE A 139 8.18 0.12 23.18
N PHE A 140 7.51 1.00 23.93
CA PHE A 140 6.73 0.56 25.08
C PHE A 140 5.28 0.33 24.69
N GLY A 142 1.46 -1.50 26.19
CA GLY A 142 0.70 -2.10 27.27
C GLY A 142 0.52 -3.59 27.02
N GLU A 143 0.65 -4.38 28.09
CA GLU A 143 0.57 -5.82 28.05
C GLU A 143 -0.67 -6.30 27.30
N GLU A 144 -1.79 -5.61 27.51
CA GLU A 144 -3.04 -6.03 26.92
C GLU A 144 -2.99 -5.84 25.40
N ASP A 145 -2.24 -4.84 24.96
CA ASP A 145 -2.08 -4.56 23.54
C ASP A 145 -1.09 -5.55 22.89
N VAL A 146 0.00 -5.85 23.59
CA VAL A 146 0.99 -6.82 23.13
C VAL A 146 0.35 -8.17 22.75
N ARG A 147 -0.41 -8.73 23.68
CA ARG A 147 -0.97 -10.07 23.49
C ARG A 147 -1.98 -10.15 22.36
N ARG A 148 -2.57 -9.02 21.96
CA ARG A 148 -3.57 -9.03 20.89
C ARG A 148 -3.16 -8.31 19.61
N GLN A 149 -1.88 -7.99 19.49
CA GLN A 149 -1.35 -7.42 18.25
C GLN A 149 -0.14 -8.21 17.78
N LYS A 150 -0.36 -9.51 17.59
CA LYS A 150 0.69 -10.45 17.21
C LYS A 150 1.43 -10.02 15.96
N LEU A 151 0.68 -9.70 14.91
CA LEU A 151 1.27 -9.23 13.65
C LEU A 151 2.17 -8.01 13.87
N ASN A 152 1.63 -6.97 14.50
CA ASN A 152 2.38 -5.73 14.65
C ASN A 152 3.62 -5.86 15.54
N VAL A 153 3.51 -6.68 16.58
CA VAL A 153 4.66 -6.96 17.43
C VAL A 153 5.75 -7.67 16.61
N PHE A 154 5.38 -8.69 15.85
CA PHE A 154 6.38 -9.39 15.04
C PHE A 154 7.03 -8.44 14.02
N ARG A 155 6.21 -7.62 13.36
CA ARG A 155 6.73 -6.57 12.48
C ARG A 155 7.78 -5.70 13.21
N GLU A 157 9.57 -6.36 15.94
CA GLU A 157 10.77 -7.11 16.27
C GLU A 157 11.60 -7.42 15.02
N LEU A 158 10.93 -7.78 13.93
CA LEU A 158 11.64 -8.07 12.68
C LEU A 158 12.38 -6.81 12.23
N LEU A 159 11.78 -5.65 12.46
CA LEU A 159 12.40 -4.39 12.08
C LEU A 159 13.55 -4.01 13.00
N GLY A 160 13.73 -4.75 14.09
CA GLY A 160 14.86 -4.54 14.98
C GLY A 160 14.59 -3.75 16.24
N ALA A 161 13.32 -3.57 16.58
CA ALA A 161 12.97 -2.81 17.79
C ALA A 161 12.84 -3.73 19.00
N LYS A 162 13.26 -3.22 20.17
CA LYS A 162 12.94 -3.87 21.43
C LYS A 162 11.52 -3.47 21.85
N VAL A 163 10.65 -4.47 22.06
CA VAL A 163 9.29 -4.20 22.49
C VAL A 163 9.13 -4.51 23.98
N GLU A 164 8.90 -3.47 24.77
CA GLU A 164 8.78 -3.62 26.22
C GLU A 164 7.30 -3.67 26.64
N SER A 165 6.88 -4.80 27.22
CA SER A 165 5.52 -4.94 27.73
C SER A 165 5.35 -4.15 29.02
N VAL A 166 4.29 -3.34 29.10
CA VAL A 166 4.05 -2.54 30.28
C VAL A 166 2.90 -3.11 31.14
N ALA A 167 3.26 -3.57 32.33
CA ALA A 167 2.31 -4.23 33.22
C ALA A 167 1.70 -3.30 34.26
N ALA A 168 1.92 -2.00 34.12
CA ALA A 168 1.45 -1.01 35.09
C ALA A 168 -0.08 -0.93 35.15
N GLY A 171 -2.32 -1.92 32.48
CA GLY A 171 -1.36 -2.00 31.39
C GLY A 171 -1.91 -1.50 30.07
N THR A 172 -2.42 -0.26 30.08
CA THR A 172 -3.01 0.36 28.91
C THR A 172 -2.00 1.26 28.18
N LEU A 173 -2.47 1.99 27.18
CA LEU A 173 -1.64 2.94 26.44
C LEU A 173 -1.11 4.06 27.35
N LYS A 174 -1.94 4.52 28.28
CA LYS A 174 -1.52 5.54 29.26
C LYS A 174 -0.30 5.07 30.02
N ASP A 175 -0.31 3.82 30.47
CA ASP A 175 0.82 3.28 31.22
C ASP A 175 2.07 3.17 30.34
N ALA A 176 1.88 2.90 29.05
CA ALA A 176 3.03 2.86 28.15
C ALA A 176 3.58 4.25 27.89
N VAL A 177 2.68 5.23 27.72
CA VAL A 177 3.09 6.62 27.53
C VAL A 177 3.94 7.08 28.71
N ASN A 178 3.46 6.82 29.92
CA ASN A 178 4.20 7.22 31.12
C ASN A 178 5.54 6.51 31.21
N GLU A 179 5.58 5.25 30.80
CA GLU A 179 6.83 4.51 30.88
C GLU A 179 7.81 5.03 29.81
N ALA A 180 7.28 5.44 28.66
CA ALA A 180 8.12 6.04 27.62
C ALA A 180 8.70 7.38 28.07
N LEU A 181 7.88 8.18 28.76
CA LEU A 181 8.33 9.46 29.28
C LEU A 181 9.45 9.28 30.28
N ARG A 182 9.29 8.29 31.16
CA ARG A 182 10.29 8.02 32.20
C ARG A 182 11.59 7.57 31.55
N TYR A 183 11.49 6.71 30.55
CA TYR A 183 12.67 6.24 29.82
C TYR A 183 13.35 7.40 29.11
N TRP A 184 12.57 8.20 28.38
CA TRP A 184 13.09 9.36 27.67
C TRP A 184 13.88 10.27 28.60
N VAL A 185 13.25 10.74 29.67
CA VAL A 185 13.92 11.66 30.57
C VAL A 185 15.25 11.08 31.04
N SER A 186 15.25 9.78 31.35
CA SER A 186 16.44 9.10 31.84
C SER A 186 17.52 8.97 30.77
N HIS A 187 17.10 8.86 29.52
CA HIS A 187 18.05 8.67 28.42
C HIS A 187 18.08 9.84 27.46
N VAL A 188 17.64 11.01 27.93
CA VAL A 188 17.48 12.17 27.05
C VAL A 188 18.79 12.61 26.37
N HIS A 189 19.92 12.25 26.94
CA HIS A 189 21.22 12.59 26.37
C HIS A 189 21.42 12.06 24.93
N ASP A 190 20.92 10.86 24.64
CA ASP A 190 21.10 10.27 23.32
C ASP A 190 19.83 9.64 22.76
N THR A 191 18.72 9.80 23.49
CA THR A 191 17.44 9.22 23.08
C THR A 191 16.38 10.29 22.81
N HIS A 192 15.71 10.19 21.67
CA HIS A 192 14.53 11.03 21.42
C HIS A 192 13.24 10.20 21.51
N TYR A 193 12.20 10.84 22.04
CA TYR A 193 10.89 10.22 22.16
C TYR A 193 10.07 10.61 20.93
N ILE A 194 9.78 9.63 20.08
CA ILE A 194 8.87 9.85 18.96
C ILE A 194 7.45 9.56 19.43
N GLY A 196 3.37 9.56 19.27
CA GLY A 196 2.30 9.49 18.29
C GLY A 196 0.98 9.98 18.84
N SER A 197 0.78 9.78 20.14
CA SER A 197 -0.40 10.30 20.82
C SER A 197 -0.36 11.82 20.90
N VAL A 198 -1.52 12.47 20.84
CA VAL A 198 -1.57 13.92 20.87
C VAL A 198 -2.03 14.44 22.23
N LEU A 199 -2.03 13.56 23.23
CA LEU A 199 -2.47 13.93 24.58
C LEU A 199 -1.26 14.16 25.48
N GLY A 200 -0.08 14.16 24.89
CA GLY A 200 1.16 14.34 25.64
C GLY A 200 1.41 15.81 25.84
N PRO A 201 2.58 16.15 26.39
CA PRO A 201 2.91 17.54 26.75
C PRO A 201 3.37 18.32 25.52
N HIS A 202 3.18 19.63 25.53
CA HIS A 202 3.74 20.51 24.51
C HIS A 202 5.23 20.21 24.40
N PRO A 203 5.77 20.20 23.18
CA PRO A 203 5.13 20.59 21.92
C PRO A 203 4.75 19.40 21.04
N PHE A 204 4.61 18.22 21.63
CA PHE A 204 4.26 17.05 20.82
C PHE A 204 2.96 17.20 19.99
N PRO A 205 1.87 17.72 20.59
CA PRO A 205 0.66 17.80 19.75
C PRO A 205 0.88 18.67 18.50
N GLN A 206 1.63 19.76 18.65
CA GLN A 206 1.97 20.66 17.54
C GLN A 206 2.83 19.96 16.47
N ILE A 207 3.86 19.25 16.92
CA ILE A 207 4.75 18.52 16.01
C ILE A 207 4.00 17.44 15.21
N VAL A 208 3.21 16.63 15.90
CA VAL A 208 2.45 15.58 15.23
C VAL A 208 1.44 16.19 14.25
N ARG A 209 0.76 17.24 14.67
CA ARG A 209 -0.18 17.91 13.78
C ARG A 209 0.51 18.46 12.54
N ASP A 210 1.63 19.15 12.74
CA ASP A 210 2.38 19.70 11.61
C ASP A 210 2.83 18.64 10.62
N PHE A 211 3.44 17.56 11.10
CA PHE A 211 3.90 16.49 10.20
C PHE A 211 2.74 15.79 9.49
N GLN A 212 1.58 15.71 10.13
CA GLN A 212 0.42 15.02 9.54
C GLN A 212 -0.43 15.88 8.64
N SER A 213 -0.11 17.18 8.59
CA SER A 213 -0.87 18.12 7.79
C SER A 213 -0.66 17.90 6.29
N VAL A 214 0.29 17.03 5.96
CA VAL A 214 0.54 16.67 4.59
C VAL A 214 -0.69 15.95 4.00
N ILE A 215 -1.49 15.37 4.88
CA ILE A 215 -2.71 14.68 4.47
C ILE A 215 -3.79 15.66 4.05
N GLY A 216 -4.07 16.59 4.96
CA GLY A 216 -5.05 17.62 4.71
C GLY A 216 -4.60 18.54 3.59
N ASN A 217 -3.33 18.95 3.58
CA ASN A 217 -2.84 19.84 2.54
C ASN A 217 -2.99 19.22 1.14
N GLU A 218 -2.59 17.96 1.00
CA GLU A 218 -2.71 17.25 -0.28
C GLU A 218 -4.17 17.15 -0.69
N THR A 219 -5.01 16.73 0.25
CA THR A 219 -6.43 16.54 -0.01
C THR A 219 -7.03 17.81 -0.57
N LYS A 220 -6.76 18.93 0.09
CA LYS A 220 -7.33 20.22 -0.35
C LYS A 220 -6.88 20.55 -1.76
N LYS A 221 -5.59 20.36 -2.03
CA LYS A 221 -5.04 20.67 -3.34
C LYS A 221 -5.61 19.75 -4.44
N GLN A 222 -5.66 18.46 -4.16
CA GLN A 222 -6.14 17.47 -5.13
C GLN A 222 -7.63 17.65 -5.41
N TYR A 223 -8.41 17.89 -4.36
CA TYR A 223 -9.84 18.11 -4.50
C TYR A 223 -10.14 19.38 -5.31
N GLU A 224 -9.46 20.48 -4.98
CA GLU A 224 -9.67 21.74 -5.71
C GLU A 224 -9.34 21.55 -7.18
N ALA A 225 -8.24 20.87 -7.46
CA ALA A 225 -7.85 20.62 -8.85
C ALA A 225 -9.00 19.95 -9.59
N LEU A 226 -9.63 18.97 -8.96
CA LEU A 226 -10.72 18.21 -9.57
C LEU A 226 -12.06 18.95 -9.66
N GLU A 227 -12.45 19.63 -8.58
CA GLU A 227 -13.80 20.18 -8.46
C GLU A 227 -13.91 21.70 -8.54
N GLY A 228 -12.76 22.38 -8.52
CA GLY A 228 -12.78 23.84 -8.57
C GLY A 228 -13.43 24.47 -7.33
N LYS A 229 -13.61 23.67 -6.29
CA LYS A 229 -14.14 24.15 -5.03
C LYS A 229 -13.70 23.24 -3.90
N LEU A 230 -14.08 23.58 -2.67
CA LEU A 230 -13.68 22.80 -1.52
C LEU A 230 -14.73 21.75 -1.23
N PRO A 231 -14.36 20.66 -0.56
CA PRO A 231 -15.34 19.64 -0.18
C PRO A 231 -16.41 20.24 0.73
N GLU A 232 -17.65 19.74 0.66
CA GLU A 232 -18.65 20.11 1.64
C GLU A 232 -18.40 19.38 2.95
N ALA A 233 -17.75 18.21 2.88
CA ALA A 233 -17.51 17.43 4.11
C ALA A 233 -16.23 16.60 4.08
N VAL A 234 -15.55 16.57 5.23
CA VAL A 234 -14.40 15.70 5.42
C VAL A 234 -14.67 14.80 6.61
N VAL A 235 -14.47 13.49 6.43
CA VAL A 235 -14.76 12.51 7.46
C VAL A 235 -13.51 11.72 7.82
N ALA A 236 -13.23 11.61 9.11
CA ALA A 236 -12.01 10.96 9.56
C ALA A 236 -12.18 10.27 10.91
N CYS A 237 -11.42 9.19 11.14
CA CYS A 237 -11.44 8.50 12.43
C CYS A 237 -10.74 9.33 13.49
N ILE A 238 -11.19 9.21 14.73
CA ILE A 238 -10.47 9.77 15.86
C ILE A 238 -10.33 8.74 16.99
N GLY A 239 -9.37 8.96 17.88
CA GLY A 239 -9.23 8.12 19.06
C GLY A 239 -7.97 7.27 19.08
N GLY A 240 -7.70 6.66 20.23
CA GLY A 240 -6.49 5.88 20.39
C GLY A 240 -5.29 6.79 20.49
N GLY A 241 -5.54 8.03 20.90
CA GLY A 241 -4.50 9.04 20.96
C GLY A 241 -4.47 9.87 19.69
N SER A 242 -5.15 9.39 18.65
CA SER A 242 -5.18 10.12 17.38
C SER A 242 -6.30 11.17 17.28
N ASN A 243 -6.02 12.21 16.52
CA ASN A 243 -6.80 13.44 16.49
C ASN A 243 -7.45 13.77 15.13
N ALA A 244 -6.95 13.12 14.07
CA ALA A 244 -7.24 13.49 12.68
C ALA A 244 -6.98 14.96 12.32
N GLY A 246 -4.35 16.22 11.33
CA GLY A 246 -3.55 16.28 10.12
C GLY A 246 -4.44 16.44 8.89
N PHE A 248 -7.90 17.46 9.25
CA PHE A 248 -8.84 18.57 9.52
C PHE A 248 -8.21 19.97 9.55
N TYR A 249 -7.04 20.08 10.15
CA TYR A 249 -6.43 21.39 10.33
C TYR A 249 -6.33 22.24 9.06
N PRO A 250 -5.89 21.65 7.93
CA PRO A 250 -5.78 22.54 6.76
C PRO A 250 -7.13 23.09 6.29
N PHE A 251 -8.24 22.52 6.76
CA PHE A 251 -9.57 23.02 6.41
C PHE A 251 -10.25 23.87 7.50
N VAL A 252 -9.64 23.99 8.68
CA VAL A 252 -10.30 24.61 9.83
C VAL A 252 -10.86 26.00 9.51
N HIS A 253 -10.09 26.80 8.77
CA HIS A 253 -10.48 28.18 8.45
C HIS A 253 -11.52 28.31 7.33
N ASP A 254 -11.75 27.22 6.57
CA ASP A 254 -12.78 27.20 5.54
C ASP A 254 -14.11 26.73 6.13
N GLU A 255 -14.85 27.67 6.69
CA GLU A 255 -15.97 27.37 7.58
C GLU A 255 -17.09 26.62 6.89
N GLU A 256 -17.12 26.68 5.56
CA GLU A 256 -18.15 25.99 4.80
C GLU A 256 -17.81 24.51 4.61
N VAL A 257 -16.62 24.11 5.04
CA VAL A 257 -16.23 22.70 5.00
C VAL A 257 -16.52 22.03 6.34
N ALA A 258 -17.58 21.23 6.38
CA ALA A 258 -17.94 20.44 7.55
C ALA A 258 -16.88 19.40 7.88
N LEU A 259 -16.64 19.23 9.18
CA LEU A 259 -15.57 18.37 9.65
C LEU A 259 -16.15 17.32 10.57
N TYR A 260 -16.00 16.05 10.22
CA TYR A 260 -16.63 15.00 11.02
C TYR A 260 -15.64 13.99 11.57
N GLY A 261 -15.54 13.94 12.89
CA GLY A 261 -14.72 12.93 13.54
C GLY A 261 -15.61 11.76 13.95
N VAL A 262 -15.13 10.55 13.66
CA VAL A 262 -15.91 9.35 13.91
C VAL A 262 -15.20 8.43 14.90
N GLU A 263 -15.89 8.01 15.94
CA GLU A 263 -15.27 7.08 16.90
C GLU A 263 -16.01 5.73 16.96
N ALA A 264 -15.30 4.71 17.42
CA ALA A 264 -15.92 3.42 17.66
C ALA A 264 -16.86 3.52 18.85
N ALA A 265 -18.12 3.18 18.64
CA ALA A 265 -19.06 3.08 19.75
C ALA A 265 -18.68 1.88 20.59
N GLY A 266 -18.83 2.00 21.91
CA GLY A 266 -18.51 0.91 22.82
C GLY A 266 -19.58 0.72 23.88
N ASP A 312 -12.07 32.08 17.18
CA ASP A 312 -11.47 31.36 16.07
C ASP A 312 -10.48 30.27 16.54
N TYR A 313 -9.33 30.21 15.87
CA TYR A 313 -8.43 29.07 16.00
C TYR A 313 -6.97 29.49 16.18
N HIS A 320 -9.03 22.00 19.31
CA HIS A 320 -9.07 20.54 19.27
C HIS A 320 -10.26 20.02 20.09
N SER A 321 -10.08 19.93 21.40
CA SER A 321 -11.22 19.75 22.30
C SER A 321 -12.01 21.04 22.15
N LEU A 322 -11.28 22.14 21.94
CA LEU A 322 -11.88 23.42 21.58
C LEU A 322 -12.73 23.35 20.30
N LEU A 323 -12.16 22.77 19.25
CA LEU A 323 -12.86 22.67 17.96
C LEU A 323 -14.20 21.97 18.08
N LYS A 324 -14.25 20.91 18.89
CA LYS A 324 -15.50 20.21 19.11
C LYS A 324 -16.44 21.04 19.98
N ASP A 325 -15.90 21.70 20.98
CA ASP A 325 -16.75 22.45 21.90
C ASP A 325 -17.47 23.64 21.24
N ILE A 326 -16.82 24.28 20.29
CA ILE A 326 -17.42 25.40 19.57
C ILE A 326 -18.12 24.94 18.28
N GLY A 327 -18.03 23.65 18.00
CA GLY A 327 -18.79 23.08 16.89
C GLY A 327 -18.11 23.17 15.54
N ARG A 328 -16.82 23.49 15.50
CA ARG A 328 -16.09 23.47 14.23
C ARG A 328 -16.03 22.03 13.72
N VAL A 329 -15.74 21.10 14.64
CA VAL A 329 -15.73 19.67 14.32
C VAL A 329 -16.86 18.99 15.11
N SER A 330 -17.53 18.01 14.52
CA SER A 330 -18.49 17.21 15.30
C SER A 330 -18.10 15.73 15.38
N TYR A 331 -18.44 15.10 16.51
CA TYR A 331 -18.06 13.71 16.76
C TYR A 331 -19.27 12.81 16.68
N HIS A 332 -19.10 11.64 16.06
CA HIS A 332 -20.21 10.72 15.87
C HIS A 332 -19.71 9.32 16.10
N SER A 333 -20.52 8.48 16.75
CA SER A 333 -20.09 7.11 17.01
C SER A 333 -20.71 6.13 16.02
N ILE A 334 -19.94 5.11 15.66
CA ILE A 334 -20.38 4.06 14.75
C ILE A 334 -20.23 2.72 15.48
N THR A 335 -21.22 1.86 15.39
CA THR A 335 -21.14 0.55 16.01
C THR A 335 -20.30 -0.44 15.21
N ASP A 336 -20.02 -1.59 15.82
CA ASP A 336 -19.27 -2.64 15.15
C ASP A 336 -20.01 -3.18 13.92
N ASP A 337 -21.32 -3.39 14.07
CA ASP A 337 -22.16 -3.86 12.98
C ASP A 337 -22.22 -2.87 11.82
N GLU A 338 -22.33 -1.58 12.13
CA GLU A 338 -22.29 -0.57 11.07
C GLU A 338 -20.94 -0.57 10.38
N ALA A 339 -19.89 -0.78 11.15
CA ALA A 339 -18.55 -0.76 10.61
C ALA A 339 -18.35 -1.98 9.71
N LEU A 340 -18.77 -3.15 10.18
CA LEU A 340 -18.64 -4.38 9.40
C LEU A 340 -19.40 -4.27 8.09
N GLU A 341 -20.61 -3.69 8.14
CA GLU A 341 -21.39 -3.46 6.92
C GLU A 341 -20.66 -2.58 5.91
N ALA A 342 -20.05 -1.49 6.38
CA ALA A 342 -19.32 -0.59 5.49
C ALA A 342 -18.09 -1.32 4.94
N PHE A 343 -17.55 -2.21 5.75
CA PHE A 343 -16.37 -2.95 5.32
C PHE A 343 -16.76 -3.85 4.15
N GLN A 344 -17.90 -4.52 4.26
CA GLN A 344 -18.37 -5.38 3.17
C GLN A 344 -18.75 -4.57 1.94
N LEU A 345 -19.30 -3.38 2.17
CA LEU A 345 -19.76 -2.58 1.05
C LEU A 345 -18.59 -2.03 0.24
N LEU A 346 -17.60 -1.48 0.92
CA LEU A 346 -16.43 -0.91 0.24
C LEU A 346 -15.70 -1.97 -0.57
N THR A 347 -15.53 -3.14 0.03
CA THR A 347 -14.94 -4.27 -0.64
C THR A 347 -15.70 -4.60 -1.94
N LYS A 348 -16.99 -4.83 -1.83
CA LYS A 348 -17.80 -5.22 -3.00
C LYS A 348 -17.96 -4.10 -4.03
N LYS A 349 -18.00 -2.85 -3.56
CA LYS A 349 -18.29 -1.73 -4.46
C LYS A 349 -17.04 -1.15 -5.09
N GLU A 350 -15.91 -1.26 -4.40
CA GLU A 350 -14.71 -0.56 -4.85
C GLU A 350 -13.50 -1.47 -5.01
N GLY A 351 -13.58 -2.69 -4.49
CA GLY A 351 -12.45 -3.61 -4.58
C GLY A 351 -11.36 -3.18 -3.60
N ILE A 352 -11.75 -2.38 -2.61
CA ILE A 352 -10.83 -1.96 -1.56
C ILE A 352 -11.24 -2.57 -0.22
N ILE A 353 -10.36 -3.39 0.34
CA ILE A 353 -10.62 -4.04 1.62
C ILE A 353 -10.01 -3.17 2.72
N PRO A 354 -10.87 -2.41 3.44
CA PRO A 354 -10.38 -1.43 4.43
C PRO A 354 -10.09 -2.06 5.78
N ALA A 355 -9.25 -1.42 6.58
CA ALA A 355 -9.13 -1.81 7.98
C ALA A 355 -10.47 -1.55 8.65
N LEU A 356 -10.80 -2.35 9.66
CA LEU A 356 -12.04 -2.16 10.42
C LEU A 356 -12.16 -0.77 11.07
N GLU A 357 -11.06 -0.23 11.59
CA GLU A 357 -11.08 1.11 12.17
C GLU A 357 -11.57 2.13 11.14
N SER A 358 -10.89 2.16 10.00
CA SER A 358 -11.24 3.03 8.89
C SER A 358 -12.69 2.86 8.46
N SER A 359 -13.20 1.62 8.56
CA SER A 359 -14.57 1.33 8.15
C SER A 359 -15.60 2.16 8.90
N HIS A 360 -15.29 2.52 10.15
CA HIS A 360 -16.20 3.36 10.93
C HIS A 360 -16.44 4.66 10.18
N ALA A 361 -15.37 5.24 9.65
CA ALA A 361 -15.50 6.47 8.90
C ALA A 361 -16.31 6.26 7.63
N VAL A 362 -16.06 5.13 6.95
CA VAL A 362 -16.84 4.81 5.76
C VAL A 362 -18.30 4.67 6.15
N ALA A 363 -18.56 4.01 7.28
CA ALA A 363 -19.95 3.81 7.75
C ALA A 363 -20.63 5.13 8.00
N TYR A 364 -19.91 6.10 8.57
CA TYR A 364 -20.56 7.36 8.84
C TYR A 364 -20.82 8.12 7.55
N ALA A 365 -19.86 8.07 6.62
CA ALA A 365 -20.05 8.71 5.33
C ALA A 365 -21.27 8.14 4.59
N LEU A 366 -21.56 6.86 4.81
CA LEU A 366 -22.75 6.24 4.22
C LEU A 366 -24.04 6.86 4.74
N LYS A 367 -24.04 7.39 5.97
CA LYS A 367 -25.24 8.02 6.51
C LYS A 367 -25.35 9.46 6.03
N LEU A 368 -24.21 10.08 5.81
CA LEU A 368 -24.12 11.46 5.41
C LEU A 368 -24.41 11.68 3.91
N ALA A 369 -23.78 10.86 3.07
CA ALA A 369 -23.84 11.04 1.61
C ALA A 369 -25.24 11.19 1.00
N PRO A 370 -26.21 10.33 1.38
CA PRO A 370 -27.54 10.42 0.78
C PRO A 370 -28.26 11.72 1.08
N GLN A 371 -27.84 12.41 2.13
CA GLN A 371 -28.53 13.61 2.56
C GLN A 371 -27.91 14.84 1.93
N LYS A 373 -26.34 16.86 -1.70
CA LYS A 373 -26.72 17.04 -3.09
C LYS A 373 -25.73 16.37 -4.04
N GLU A 374 -26.17 16.08 -5.26
CA GLU A 374 -25.31 15.37 -6.22
C GLU A 374 -24.12 16.21 -6.64
N ASP A 375 -24.32 17.52 -6.67
CA ASP A 375 -23.25 18.44 -7.03
C ASP A 375 -22.29 18.71 -5.88
N GLU A 376 -22.46 18.00 -4.76
CA GLU A 376 -21.61 18.21 -3.59
C GLU A 376 -20.62 17.05 -3.42
N GLY A 377 -19.61 17.28 -2.58
CA GLY A 377 -18.52 16.32 -2.43
C GLY A 377 -18.11 16.06 -0.99
N LEU A 378 -17.63 14.84 -0.76
CA LEU A 378 -17.30 14.36 0.57
C LEU A 378 -15.98 13.58 0.45
N VAL A 379 -15.05 13.81 1.37
CA VAL A 379 -13.80 13.05 1.39
C VAL A 379 -13.72 12.20 2.65
N ILE A 380 -13.35 10.93 2.51
CA ILE A 380 -13.12 10.04 3.65
C ILE A 380 -11.63 9.78 3.73
N CYS A 381 -11.06 9.96 4.92
CA CYS A 381 -9.65 9.62 5.11
C CYS A 381 -9.61 8.12 5.30
N LEU A 382 -8.90 7.42 4.43
CA LEU A 382 -8.86 5.97 4.49
C LEU A 382 -7.45 5.54 4.84
N SER A 383 -7.29 4.83 5.94
CA SER A 383 -5.96 4.42 6.39
C SER A 383 -5.96 2.95 6.79
N GLY A 384 -4.81 2.29 6.68
CA GLY A 384 -4.69 0.90 7.12
C GLY A 384 -5.07 -0.08 6.03
N ARG A 385 -4.45 -1.25 6.03
CA ARG A 385 -4.79 -2.27 5.03
C ARG A 385 -5.65 -3.35 5.67
N GLY A 386 -6.83 -3.58 5.11
CA GLY A 386 -7.78 -4.53 5.69
C GLY A 386 -7.39 -5.99 5.60
N ASP A 387 -6.34 -6.31 4.86
CA ASP A 387 -5.86 -7.69 4.73
C ASP A 387 -5.48 -8.27 6.10
N LYS A 388 -5.14 -7.40 7.04
CA LYS A 388 -4.87 -7.81 8.42
C LYS A 388 -6.09 -8.46 9.07
N ASP A 389 -7.27 -7.92 8.76
CA ASP A 389 -8.51 -8.25 9.47
C ASP A 389 -9.35 -9.34 8.84
N VAL A 390 -9.05 -9.69 7.59
CA VAL A 390 -9.80 -10.72 6.86
C VAL A 390 -9.89 -12.03 7.64
N GLU A 391 -8.80 -12.41 8.27
CA GLU A 391 -8.74 -13.65 9.06
C GLU A 391 -9.76 -13.63 10.21
N SER A 392 -9.84 -12.51 10.92
CA SER A 392 -10.72 -12.41 12.08
C SER A 392 -12.19 -12.27 11.67
N ILE A 393 -12.42 -11.60 10.54
CA ILE A 393 -13.77 -11.39 10.02
C ILE A 393 -14.39 -12.68 9.45
N LYS A 394 -13.57 -13.46 8.76
CA LYS A 394 -14.00 -14.76 8.22
C LYS A 394 -14.56 -15.61 9.36
N ARG A 395 -13.83 -15.65 10.46
CA ARG A 395 -14.27 -16.37 11.66
C ARG A 395 -15.61 -15.86 12.17
N TYR A 396 -15.79 -14.54 12.12
CA TYR A 396 -17.05 -13.94 12.56
C TYR A 396 -18.23 -14.35 11.66
N TYR B 22 -22.20 -9.44 -33.93
CA TYR B 22 -21.14 -10.39 -34.29
C TYR B 22 -20.70 -11.22 -33.09
N VAL B 23 -21.28 -12.40 -32.91
CA VAL B 23 -20.99 -13.22 -31.73
C VAL B 23 -20.28 -14.55 -32.02
N PRO B 24 -19.05 -14.70 -31.49
CA PRO B 24 -18.18 -15.89 -31.65
C PRO B 24 -18.81 -17.17 -31.13
N GLU B 25 -18.49 -18.29 -31.79
CA GLU B 25 -19.03 -19.60 -31.46
C GLU B 25 -17.92 -20.59 -31.09
N THR B 26 -16.69 -20.22 -31.39
CA THR B 26 -15.56 -21.08 -31.08
C THR B 26 -14.46 -20.28 -30.40
N LEU B 27 -13.46 -21.01 -29.89
CA LEU B 27 -12.31 -20.40 -29.25
C LEU B 27 -11.51 -19.57 -30.25
N GLN B 29 -12.71 -17.97 -32.90
CA GLN B 29 -13.47 -16.75 -33.16
C GLN B 29 -13.40 -15.80 -31.98
N SER B 30 -13.35 -16.35 -30.77
CA SER B 30 -13.27 -15.54 -29.55
C SER B 30 -11.92 -14.85 -29.53
N VAL B 31 -10.88 -15.58 -29.91
CA VAL B 31 -9.53 -15.05 -29.92
C VAL B 31 -9.41 -13.93 -30.96
N LEU B 32 -9.95 -14.14 -32.15
CA LEU B 32 -9.98 -13.12 -33.18
C LEU B 32 -10.78 -11.88 -32.74
N GLU B 33 -11.92 -12.09 -32.06
CA GLU B 33 -12.70 -10.96 -31.58
C GLU B 33 -11.84 -10.11 -30.65
N LEU B 34 -11.08 -10.76 -29.76
CA LEU B 34 -10.26 -10.07 -28.79
C LEU B 34 -9.07 -9.34 -29.42
N GLU B 35 -8.49 -9.93 -30.46
CA GLU B 35 -7.42 -9.29 -31.22
C GLU B 35 -7.87 -7.93 -31.74
N GLU B 36 -8.97 -7.92 -32.48
CA GLU B 36 -9.50 -6.68 -33.05
C GLU B 36 -9.88 -5.64 -31.97
N ALA B 37 -10.48 -6.09 -30.88
CA ALA B 37 -10.90 -5.15 -29.84
C ALA B 37 -9.65 -4.53 -29.22
N TYR B 38 -8.64 -5.35 -28.99
CA TYR B 38 -7.41 -4.86 -28.36
C TYR B 38 -6.70 -3.83 -29.24
N LYS B 39 -6.60 -4.10 -30.54
CA LYS B 39 -5.97 -3.16 -31.46
C LYS B 39 -6.73 -1.84 -31.53
N GLU B 40 -8.06 -1.90 -31.52
CA GLU B 40 -8.87 -0.69 -31.52
C GLU B 40 -8.60 0.15 -30.28
N ALA B 41 -8.53 -0.52 -29.13
CA ALA B 41 -8.36 0.15 -27.84
C ALA B 41 -7.03 0.87 -27.75
N GLU B 43 -5.40 2.16 -29.84
CA GLU B 43 -5.33 3.30 -30.74
C GLU B 43 -6.35 4.37 -30.38
N ASP B 44 -7.15 4.10 -29.35
CA ASP B 44 -8.08 5.09 -28.86
C ASP B 44 -7.44 5.82 -27.67
N GLU B 45 -7.12 7.09 -27.88
CA GLU B 45 -6.46 7.90 -26.86
C GLU B 45 -7.28 7.96 -25.58
N ALA B 46 -8.60 7.91 -25.73
CA ALA B 46 -9.50 7.94 -24.58
C ALA B 46 -9.32 6.71 -23.70
N PHE B 47 -9.11 5.56 -24.32
CA PHE B 47 -8.90 4.33 -23.57
C PHE B 47 -7.64 4.45 -22.71
N GLN B 48 -6.53 4.82 -23.33
CA GLN B 48 -5.29 4.97 -22.59
C GLN B 48 -5.41 6.03 -21.50
N LYS B 49 -6.18 7.07 -21.78
CA LYS B 49 -6.40 8.16 -20.82
C LYS B 49 -7.13 7.63 -19.59
N GLU B 50 -8.19 6.86 -19.83
CA GLU B 50 -8.93 6.26 -18.73
C GLU B 50 -8.08 5.28 -17.94
N LEU B 51 -7.34 4.43 -18.65
CA LEU B 51 -6.46 3.46 -17.99
C LEU B 51 -5.46 4.17 -17.07
N ASN B 52 -4.83 5.24 -17.56
CA ASN B 52 -3.86 5.98 -16.77
C ASN B 52 -4.51 6.58 -15.54
N HIS B 53 -5.76 6.98 -15.68
CA HIS B 53 -6.49 7.58 -14.58
C HIS B 53 -6.68 6.58 -13.44
N TYR B 54 -7.07 5.35 -13.78
CA TYR B 54 -7.23 4.34 -12.74
C TYR B 54 -5.88 3.87 -12.19
N LEU B 55 -4.88 3.76 -13.05
CA LEU B 55 -3.54 3.40 -12.59
C LEU B 55 -3.03 4.44 -11.56
N LYS B 56 -3.36 5.71 -11.77
CA LYS B 56 -2.91 6.78 -10.87
C LYS B 56 -3.69 6.79 -9.56
N THR B 57 -5.00 6.96 -9.68
CA THR B 57 -5.82 7.28 -8.51
C THR B 57 -6.31 6.05 -7.78
N TYR B 58 -6.26 4.90 -8.44
CA TYR B 58 -6.74 3.68 -7.82
C TYR B 58 -5.60 2.71 -7.47
N VAL B 59 -4.75 2.41 -8.43
CA VAL B 59 -3.65 1.47 -8.20
C VAL B 59 -2.53 2.15 -7.42
N GLY B 60 -2.33 3.44 -7.68
CA GLY B 60 -1.30 4.20 -6.99
C GLY B 60 0.00 4.39 -7.76
N ARG B 61 -0.04 4.30 -9.08
CA ARG B 61 1.16 4.53 -9.89
C ARG B 61 1.34 6.03 -10.07
N GLU B 62 2.57 6.50 -10.25
CA GLU B 62 3.79 5.69 -10.31
C GLU B 62 4.22 5.21 -8.93
N THR B 63 4.74 3.99 -8.87
CA THR B 63 5.31 3.46 -7.64
C THR B 63 6.72 4.01 -7.50
N PRO B 64 7.18 4.20 -6.26
CA PRO B 64 8.53 4.79 -6.15
C PRO B 64 9.66 3.88 -6.65
N LEU B 65 10.73 4.51 -7.14
CA LEU B 65 12.01 3.86 -7.34
C LEU B 65 12.86 4.36 -6.19
N TYR B 66 13.09 3.51 -5.18
CA TYR B 66 13.70 4.00 -3.96
C TYR B 66 15.18 3.63 -3.84
N PHE B 67 16.01 4.63 -3.59
CA PHE B 67 17.44 4.41 -3.38
C PHE B 67 17.71 3.79 -1.99
N ALA B 68 18.14 2.54 -1.98
CA ALA B 68 18.37 1.83 -0.72
C ALA B 68 19.78 2.05 -0.24
N GLU B 69 20.01 3.16 0.47
CA GLU B 69 21.38 3.59 0.70
C GLU B 69 22.14 2.74 1.73
N ASN B 70 21.41 2.22 2.72
CA ASN B 70 22.02 1.31 3.69
C ASN B 70 22.43 0.01 3.01
N THR B 72 23.08 -0.32 -0.08
CA THR B 72 24.22 0.06 -0.91
C THR B 72 25.53 0.12 -0.13
N GLU B 73 25.49 0.72 1.06
CA GLU B 73 26.68 0.80 1.90
C GLU B 73 27.10 -0.60 2.31
N TYR B 74 26.11 -1.43 2.65
CA TYR B 74 26.41 -2.81 3.08
C TYR B 74 27.11 -3.67 2.00
N CYS B 75 26.57 -3.68 0.78
CA CYS B 75 27.19 -4.47 -0.30
C CYS B 75 28.54 -3.94 -0.77
N GLY B 76 28.66 -2.61 -0.83
CA GLY B 76 29.94 -1.98 -1.14
C GLY B 76 30.21 -1.71 -2.61
N GLY B 77 29.27 -2.05 -3.49
CA GLY B 77 29.45 -1.85 -4.91
C GLY B 77 28.48 -0.86 -5.53
N ALA B 78 27.59 -1.35 -6.39
CA ALA B 78 26.68 -0.49 -7.13
C ALA B 78 25.63 0.16 -6.24
N LYS B 79 25.12 1.31 -6.67
CA LYS B 79 23.94 1.89 -6.04
C LYS B 79 22.76 0.94 -6.26
N ILE B 80 22.02 0.66 -5.19
CA ILE B 80 20.92 -0.28 -5.25
C ILE B 80 19.58 0.44 -5.13
N TYR B 81 18.72 0.26 -6.15
CA TYR B 81 17.39 0.87 -6.15
C TYR B 81 16.31 -0.21 -6.13
N LEU B 82 15.24 0.06 -5.38
CA LEU B 82 14.09 -0.83 -5.29
C LEU B 82 12.86 -0.22 -6.00
N LYS B 83 12.40 -0.89 -7.06
CA LYS B 83 11.12 -0.54 -7.69
C LYS B 83 10.04 -1.11 -6.80
N ARG B 84 9.24 -0.23 -6.17
CA ARG B 84 8.29 -0.63 -5.12
C ARG B 84 6.90 -1.08 -5.60
N GLU B 85 6.83 -2.17 -6.36
CA GLU B 85 5.54 -2.73 -6.78
C GLU B 85 4.74 -3.27 -5.58
N ASP B 86 5.38 -3.41 -4.43
CA ASP B 86 4.63 -3.79 -3.25
C ASP B 86 3.76 -2.64 -2.76
N LEU B 87 3.91 -1.46 -3.35
CA LEU B 87 3.10 -0.30 -2.96
C LEU B 87 1.90 -0.05 -3.86
N ASN B 88 1.76 -0.85 -4.92
CA ASN B 88 0.47 -0.92 -5.62
C ASN B 88 -0.66 -1.27 -4.64
N HIS B 89 -1.85 -0.80 -4.95
CA HIS B 89 -3.05 -1.39 -4.38
C HIS B 89 -3.04 -2.89 -4.71
N THR B 90 -3.42 -3.72 -3.72
CA THR B 90 -3.24 -5.19 -3.64
C THR B 90 -1.85 -5.59 -3.16
N GLY B 91 -0.89 -4.67 -3.18
CA GLY B 91 0.46 -4.97 -2.72
C GLY B 91 1.25 -5.80 -3.72
N ALA B 92 0.73 -5.95 -4.94
CA ALA B 92 1.39 -6.74 -5.99
C ALA B 92 1.09 -6.17 -7.38
N HIS B 93 1.82 -6.65 -8.40
CA HIS B 93 1.77 -6.04 -9.73
C HIS B 93 0.78 -6.70 -10.69
N LYS B 94 0.18 -7.81 -10.27
CA LYS B 94 -0.83 -8.50 -11.10
C LYS B 94 -1.91 -7.54 -11.56
N ILE B 95 -2.28 -6.60 -10.69
CA ILE B 95 -3.37 -5.67 -10.98
C ILE B 95 -3.14 -4.80 -12.23
N ASN B 96 -1.88 -4.51 -12.53
CA ASN B 96 -1.56 -3.76 -13.74
C ASN B 96 -2.18 -4.42 -14.96
N ASN B 97 -2.10 -5.75 -15.00
CA ASN B 97 -2.68 -6.51 -16.12
C ASN B 97 -4.20 -6.58 -16.04
N THR B 98 -4.72 -6.94 -14.88
CA THR B 98 -6.16 -7.16 -14.76
C THR B 98 -6.96 -5.90 -15.00
N ILE B 99 -6.45 -4.76 -14.56
CA ILE B 99 -7.21 -3.52 -14.74
C ILE B 99 -7.24 -3.10 -16.21
N GLY B 100 -6.13 -3.30 -16.91
CA GLY B 100 -6.08 -3.03 -18.34
C GLY B 100 -7.12 -3.86 -19.07
N GLN B 101 -7.16 -5.16 -18.77
CA GLN B 101 -8.08 -6.09 -19.45
C GLN B 101 -9.53 -5.88 -19.06
N ALA B 102 -9.77 -5.54 -17.80
CA ALA B 102 -11.14 -5.30 -17.35
C ALA B 102 -11.68 -4.06 -18.02
N LEU B 103 -10.84 -3.03 -18.19
CA LEU B 103 -11.27 -1.83 -18.92
C LEU B 103 -11.53 -2.20 -20.37
N LEU B 104 -10.68 -3.06 -20.93
CA LEU B 104 -10.90 -3.54 -22.31
C LEU B 104 -12.27 -4.22 -22.39
N ALA B 105 -12.57 -5.07 -21.40
CA ALA B 105 -13.85 -5.77 -21.33
C ALA B 105 -14.98 -4.77 -21.33
N VAL B 106 -14.84 -3.72 -20.51
CA VAL B 106 -15.87 -2.70 -20.43
C VAL B 106 -16.00 -2.05 -21.79
N ARG B 107 -14.87 -1.77 -22.42
CA ARG B 107 -14.87 -1.13 -23.72
C ARG B 107 -15.54 -2.02 -24.79
N GLY B 109 -18.03 -3.73 -24.17
CA GLY B 109 -19.43 -3.81 -23.81
C GLY B 109 -19.77 -5.08 -23.06
N LYS B 110 -18.75 -5.72 -22.48
CA LYS B 110 -18.98 -6.95 -21.76
C LYS B 110 -19.32 -6.69 -20.30
N LYS B 111 -20.00 -7.64 -19.66
CA LYS B 111 -20.53 -7.43 -18.32
C LYS B 111 -19.95 -8.43 -17.33
N LYS B 112 -19.18 -9.39 -17.84
CA LYS B 112 -18.63 -10.42 -16.97
C LYS B 112 -17.20 -10.78 -17.35
N VAL B 113 -16.46 -11.26 -16.35
CA VAL B 113 -15.09 -11.68 -16.53
C VAL B 113 -14.98 -13.07 -15.97
N VAL B 114 -14.25 -13.93 -16.68
CA VAL B 114 -13.88 -15.22 -16.13
C VAL B 114 -12.37 -15.23 -16.05
N ALA B 115 -11.83 -15.90 -15.04
CA ALA B 115 -10.39 -16.03 -14.91
C ALA B 115 -10.08 -17.33 -14.19
N GLU B 116 -8.80 -17.70 -14.19
CA GLU B 116 -8.31 -18.89 -13.51
C GLU B 116 -7.22 -18.40 -12.54
N THR B 117 -6.99 -19.15 -11.45
CA THR B 117 -5.94 -18.79 -10.52
C THR B 117 -5.39 -20.02 -9.78
N GLY B 118 -4.11 -19.96 -9.41
CA GLY B 118 -3.48 -21.07 -8.73
C GLY B 118 -3.33 -20.77 -7.25
N ALA B 119 -2.37 -19.91 -6.92
CA ALA B 119 -2.16 -19.49 -5.54
C ALA B 119 -3.20 -18.46 -5.09
N GLY B 120 -3.72 -17.68 -6.03
CA GLY B 120 -4.81 -16.76 -5.70
C GLY B 120 -4.55 -15.31 -6.05
N GLN B 121 -3.29 -14.95 -6.23
CA GLN B 121 -2.91 -13.57 -6.53
C GLN B 121 -3.63 -13.04 -7.78
N HIS B 122 -3.62 -13.79 -8.87
CA HIS B 122 -4.32 -13.33 -10.05
C HIS B 122 -5.83 -13.31 -9.82
N GLY B 123 -6.34 -14.28 -9.07
CA GLY B 123 -7.75 -14.31 -8.72
C GLY B 123 -8.16 -13.06 -7.97
N VAL B 124 -7.46 -12.78 -6.87
CA VAL B 124 -7.76 -11.59 -6.06
C VAL B 124 -7.63 -10.34 -6.90
N ALA B 125 -6.56 -10.26 -7.69
CA ALA B 125 -6.36 -9.13 -8.58
C ALA B 125 -7.51 -8.98 -9.60
N THR B 126 -8.07 -10.09 -10.08
CA THR B 126 -9.19 -10.01 -11.02
C THR B 126 -10.48 -9.58 -10.31
N ALA B 127 -10.76 -10.19 -9.16
CA ALA B 127 -11.95 -9.89 -8.38
C ALA B 127 -11.96 -8.43 -7.97
N THR B 128 -10.77 -7.88 -7.78
CA THR B 128 -10.63 -6.51 -7.34
C THR B 128 -11.09 -5.53 -8.39
N VAL B 129 -10.60 -5.69 -9.62
CA VAL B 129 -10.94 -4.75 -10.66
C VAL B 129 -12.37 -4.96 -11.13
N CYS B 130 -12.87 -6.18 -10.98
CA CYS B 130 -14.29 -6.41 -11.31
C CYS B 130 -15.21 -5.68 -10.33
N ALA B 131 -14.81 -5.63 -9.06
CA ALA B 131 -15.63 -4.90 -8.08
C ALA B 131 -15.60 -3.45 -8.48
N LEU B 132 -14.40 -2.94 -8.74
CA LEU B 132 -14.19 -1.56 -9.15
C LEU B 132 -15.09 -1.17 -10.32
N LEU B 133 -15.04 -1.98 -11.38
CA LEU B 133 -15.67 -1.62 -12.64
C LEU B 133 -17.11 -2.11 -12.78
N GLY B 134 -17.63 -2.78 -11.75
CA GLY B 134 -19.01 -3.25 -11.77
C GLY B 134 -19.21 -4.47 -12.69
N LEU B 135 -18.19 -5.31 -12.79
CA LEU B 135 -18.29 -6.49 -13.64
C LEU B 135 -18.55 -7.72 -12.79
N GLU B 136 -19.45 -8.60 -13.23
CA GLU B 136 -19.56 -9.90 -12.58
C GLU B 136 -18.27 -10.64 -12.80
N CYS B 137 -17.96 -11.55 -11.88
CA CYS B 137 -16.65 -12.18 -11.87
C CYS B 137 -16.76 -13.64 -11.46
N VAL B 138 -16.28 -14.52 -12.34
CA VAL B 138 -16.26 -15.94 -12.06
C VAL B 138 -14.82 -16.42 -12.12
N ILE B 139 -14.36 -17.06 -11.05
CA ILE B 139 -12.97 -17.51 -11.00
C ILE B 139 -12.87 -19.03 -10.86
N PHE B 140 -12.13 -19.66 -11.77
CA PHE B 140 -11.95 -21.10 -11.67
C PHE B 140 -10.66 -21.45 -10.95
N GLY B 142 -8.57 -25.00 -9.20
CA GLY B 142 -8.50 -26.43 -8.96
C GLY B 142 -8.73 -26.72 -7.50
N GLU B 143 -9.47 -27.79 -7.22
CA GLU B 143 -9.86 -28.13 -5.85
C GLU B 143 -8.67 -28.22 -4.90
N GLU B 144 -7.55 -28.75 -5.39
CA GLU B 144 -6.34 -28.84 -4.58
C GLU B 144 -5.90 -27.45 -4.09
N ASP B 145 -5.83 -26.48 -4.99
CA ASP B 145 -5.46 -25.11 -4.64
C ASP B 145 -6.48 -24.45 -3.73
N VAL B 146 -7.76 -24.66 -4.02
CA VAL B 146 -8.86 -24.18 -3.18
C VAL B 146 -8.72 -24.63 -1.73
N ARG B 147 -8.28 -25.88 -1.56
CA ARG B 147 -8.10 -26.47 -0.24
C ARG B 147 -7.00 -25.78 0.57
N ARG B 148 -6.02 -25.21 -0.12
CA ARG B 148 -4.86 -24.62 0.57
C ARG B 148 -4.69 -23.12 0.31
N GLN B 149 -5.78 -22.45 -0.02
CA GLN B 149 -5.79 -21.00 -0.16
C GLN B 149 -7.10 -20.42 0.38
N LYS B 150 -7.49 -20.88 1.57
CA LYS B 150 -8.76 -20.51 2.21
C LYS B 150 -8.99 -19.00 2.34
N LEU B 151 -7.98 -18.26 2.77
CA LEU B 151 -8.13 -16.82 2.93
C LEU B 151 -8.25 -16.11 1.60
N ASN B 152 -7.42 -16.48 0.61
CA ASN B 152 -7.51 -15.88 -0.71
C ASN B 152 -8.88 -16.12 -1.34
N VAL B 153 -9.39 -17.35 -1.21
CA VAL B 153 -10.73 -17.66 -1.69
C VAL B 153 -11.73 -16.76 -0.97
N PHE B 154 -11.61 -16.67 0.35
CA PHE B 154 -12.49 -15.79 1.11
C PHE B 154 -12.36 -14.33 0.65
N ARG B 155 -11.14 -13.87 0.36
CA ARG B 155 -10.95 -12.53 -0.19
C ARG B 155 -11.73 -12.33 -1.50
N GLU B 157 -14.33 -13.93 -2.65
CA GLU B 157 -15.77 -13.92 -2.39
C GLU B 157 -16.23 -12.59 -1.79
N LEU B 158 -15.44 -12.00 -0.89
CA LEU B 158 -15.80 -10.70 -0.32
C LEU B 158 -15.80 -9.65 -1.42
N LEU B 159 -14.90 -9.81 -2.37
CA LEU B 159 -14.82 -8.88 -3.50
C LEU B 159 -15.95 -9.14 -4.50
N GLY B 160 -16.80 -10.12 -4.20
CA GLY B 160 -18.02 -10.35 -4.96
C GLY B 160 -17.92 -11.43 -6.02
N ALA B 161 -16.75 -12.07 -6.10
CA ALA B 161 -16.52 -13.06 -7.15
C ALA B 161 -17.15 -14.40 -6.81
N LYS B 162 -17.54 -15.15 -7.85
CA LYS B 162 -17.96 -16.52 -7.63
C LYS B 162 -16.76 -17.43 -7.87
N VAL B 163 -16.42 -18.24 -6.87
CA VAL B 163 -15.29 -19.15 -7.01
C VAL B 163 -15.77 -20.59 -7.28
N GLU B 164 -15.34 -21.13 -8.42
CA GLU B 164 -15.69 -22.49 -8.83
C GLU B 164 -14.53 -23.44 -8.56
N SER B 165 -14.77 -24.44 -7.73
CA SER B 165 -13.74 -25.41 -7.39
C SER B 165 -13.70 -26.49 -8.47
N VAL B 166 -12.57 -26.61 -9.18
CA VAL B 166 -12.45 -27.55 -10.29
C VAL B 166 -11.83 -28.88 -9.85
N ALA B 167 -12.56 -29.97 -10.03
CA ALA B 167 -12.06 -31.29 -9.66
C ALA B 167 -11.76 -32.15 -10.88
N ALA B 168 -12.06 -31.63 -12.07
CA ALA B 168 -11.88 -32.36 -13.33
C ALA B 168 -10.41 -32.76 -13.57
N SER B 170 -7.93 -35.04 -11.44
CA SER B 170 -6.76 -34.27 -11.03
C SER B 170 -7.12 -33.08 -10.12
N GLY B 171 -7.54 -31.97 -10.71
CA GLY B 171 -7.92 -30.79 -9.94
C GLY B 171 -6.81 -29.78 -9.75
N THR B 172 -5.94 -29.68 -10.75
CA THR B 172 -4.82 -28.75 -10.73
C THR B 172 -5.13 -27.47 -11.50
N LEU B 173 -4.18 -26.55 -11.51
CA LEU B 173 -4.31 -25.29 -12.25
C LEU B 173 -4.67 -25.52 -13.72
N LYS B 174 -3.99 -26.47 -14.36
CA LYS B 174 -4.24 -26.79 -15.77
C LYS B 174 -5.72 -27.07 -16.04
N ASP B 175 -6.38 -27.75 -15.10
CA ASP B 175 -7.78 -28.10 -15.25
C ASP B 175 -8.69 -26.87 -15.06
N ALA B 176 -8.29 -25.96 -14.18
CA ALA B 176 -9.05 -24.75 -13.97
C ALA B 176 -8.99 -23.90 -15.23
N VAL B 177 -7.82 -23.89 -15.86
CA VAL B 177 -7.62 -23.09 -17.07
C VAL B 177 -8.57 -23.58 -18.16
N ASN B 178 -8.62 -24.89 -18.30
CA ASN B 178 -9.44 -25.49 -19.34
C ASN B 178 -10.92 -25.20 -19.15
N GLU B 179 -11.36 -25.22 -17.90
CA GLU B 179 -12.76 -24.90 -17.61
C GLU B 179 -13.02 -23.43 -17.83
N ALA B 180 -12.04 -22.59 -17.52
CA ALA B 180 -12.22 -21.15 -17.74
C ALA B 180 -12.37 -20.85 -19.24
N LEU B 181 -11.55 -21.50 -20.07
CA LEU B 181 -11.60 -21.33 -21.52
C LEU B 181 -12.95 -21.75 -22.10
N ARG B 182 -13.42 -22.92 -21.69
CA ARG B 182 -14.74 -23.41 -22.11
C ARG B 182 -15.83 -22.45 -21.61
N TYR B 183 -15.71 -21.96 -20.39
CA TYR B 183 -16.70 -21.03 -19.86
C TYR B 183 -16.71 -19.76 -20.70
N TRP B 184 -15.52 -19.23 -20.98
CA TRP B 184 -15.41 -18.02 -21.79
C TRP B 184 -16.15 -18.22 -23.11
N VAL B 185 -15.81 -19.28 -23.82
CA VAL B 185 -16.39 -19.51 -25.14
C VAL B 185 -17.91 -19.60 -25.10
N SER B 186 -18.45 -20.30 -24.11
CA SER B 186 -19.89 -20.55 -24.06
C SER B 186 -20.66 -19.36 -23.47
N HIS B 187 -19.96 -18.39 -22.90
CA HIS B 187 -20.61 -17.16 -22.41
C HIS B 187 -19.98 -15.93 -23.07
N VAL B 188 -19.38 -16.13 -24.25
CA VAL B 188 -18.57 -15.08 -24.89
C VAL B 188 -19.33 -13.81 -25.32
N HIS B 189 -20.64 -13.92 -25.54
CA HIS B 189 -21.47 -12.75 -25.84
C HIS B 189 -21.31 -11.65 -24.76
N ASP B 190 -21.19 -12.04 -23.51
CA ASP B 190 -21.03 -11.04 -22.47
C ASP B 190 -19.83 -11.21 -21.55
N THR B 191 -18.96 -12.18 -21.84
CA THR B 191 -17.89 -12.50 -20.91
C THR B 191 -16.52 -12.33 -21.55
N HIS B 192 -15.59 -11.73 -20.84
CA HIS B 192 -14.21 -11.69 -21.32
C HIS B 192 -13.30 -12.52 -20.41
N TYR B 193 -12.30 -13.20 -20.99
CA TYR B 193 -11.39 -14.02 -20.20
C TYR B 193 -10.15 -13.18 -19.86
N ILE B 194 -9.91 -12.96 -18.57
CA ILE B 194 -8.71 -12.26 -18.16
C ILE B 194 -7.64 -13.28 -17.77
N GLY B 196 -3.82 -14.30 -16.78
CA GLY B 196 -2.68 -13.69 -16.11
C GLY B 196 -1.37 -14.26 -16.60
N SER B 197 -1.43 -15.43 -17.24
CA SER B 197 -0.23 -16.09 -17.76
C SER B 197 0.04 -15.69 -19.20
N VAL B 198 1.29 -15.92 -19.61
CA VAL B 198 1.69 -15.69 -21.00
C VAL B 198 1.80 -17.02 -21.73
N LEU B 199 1.09 -18.03 -21.23
CA LEU B 199 1.15 -19.36 -21.83
C LEU B 199 0.10 -19.57 -22.92
N GLY B 200 -0.15 -18.51 -23.69
CA GLY B 200 -1.04 -18.58 -24.83
C GLY B 200 -2.49 -18.88 -24.48
N PRO B 201 -3.40 -18.75 -25.46
CA PRO B 201 -3.07 -18.39 -26.85
C PRO B 201 -2.96 -16.88 -27.12
N HIS B 202 -2.32 -16.55 -28.24
CA HIS B 202 -2.28 -15.19 -28.76
C HIS B 202 -3.71 -14.64 -28.87
N PRO B 203 -3.92 -13.34 -28.59
CA PRO B 203 -2.94 -12.31 -28.25
C PRO B 203 -2.73 -12.15 -26.75
N PHE B 204 -3.17 -13.09 -25.94
CA PHE B 204 -3.04 -12.96 -24.48
C PHE B 204 -1.61 -12.65 -23.99
N PRO B 205 -0.57 -13.35 -24.53
CA PRO B 205 0.77 -12.98 -24.06
C PRO B 205 1.16 -11.52 -24.34
N GLN B 206 0.82 -11.02 -25.52
CA GLN B 206 1.10 -9.62 -25.89
C GLN B 206 0.36 -8.63 -24.97
N ILE B 207 -0.95 -8.86 -24.80
CA ILE B 207 -1.78 -7.99 -23.97
C ILE B 207 -1.20 -7.92 -22.56
N VAL B 208 -0.86 -9.06 -21.98
CA VAL B 208 -0.28 -9.10 -20.63
C VAL B 208 1.05 -8.35 -20.57
N ARG B 209 1.94 -8.62 -21.53
CA ARG B 209 3.23 -7.95 -21.62
C ARG B 209 3.07 -6.44 -21.71
N ASP B 210 2.11 -6.01 -22.52
CA ASP B 210 1.92 -4.58 -22.76
C ASP B 210 1.45 -3.87 -21.50
N PHE B 211 0.47 -4.45 -20.81
CA PHE B 211 -0.06 -3.83 -19.58
C PHE B 211 0.94 -3.89 -18.43
N GLN B 212 1.72 -4.96 -18.37
CA GLN B 212 2.72 -5.08 -17.32
C GLN B 212 3.91 -4.14 -17.53
N SER B 213 4.10 -3.70 -18.77
CA SER B 213 5.24 -2.88 -19.16
C SER B 213 5.33 -1.51 -18.48
N VAL B 214 4.27 -1.12 -17.80
CA VAL B 214 4.26 0.15 -17.10
C VAL B 214 5.33 0.15 -16.01
N ILE B 215 5.68 -1.04 -15.52
CA ILE B 215 6.73 -1.20 -14.51
C ILE B 215 8.12 -0.84 -15.05
N GLY B 216 8.52 -1.49 -16.14
CA GLY B 216 9.82 -1.22 -16.71
C GLY B 216 9.86 0.17 -17.31
N ASN B 217 8.74 0.58 -17.91
CA ASN B 217 8.66 1.94 -18.47
C ASN B 217 8.84 3.00 -17.40
N GLU B 218 8.17 2.83 -16.27
CA GLU B 218 8.34 3.78 -15.16
C GLU B 218 9.78 3.73 -14.66
N THR B 219 10.28 2.53 -14.40
CA THR B 219 11.64 2.34 -13.88
C THR B 219 12.67 3.04 -14.76
N LYS B 220 12.51 2.90 -16.08
CA LYS B 220 13.43 3.50 -17.04
C LYS B 220 13.40 5.04 -16.92
N LYS B 221 12.20 5.60 -16.89
CA LYS B 221 12.04 7.05 -16.85
C LYS B 221 12.56 7.63 -15.53
N GLN B 222 12.16 7.01 -14.43
CA GLN B 222 12.59 7.43 -13.09
C GLN B 222 14.11 7.29 -12.92
N TYR B 223 14.69 6.21 -13.45
CA TYR B 223 16.11 6.00 -13.27
C TYR B 223 16.91 7.03 -14.06
N GLU B 224 16.52 7.23 -15.33
CA GLU B 224 17.16 8.26 -16.16
C GLU B 224 17.14 9.62 -15.47
N ALA B 225 15.96 10.03 -15.00
CA ALA B 225 15.81 11.32 -14.34
C ALA B 225 16.78 11.49 -13.17
N LEU B 226 17.11 10.37 -12.53
CA LEU B 226 18.05 10.37 -11.41
C LEU B 226 19.52 10.34 -11.80
N GLU B 227 19.88 9.42 -12.70
CA GLU B 227 21.28 9.18 -12.99
C GLU B 227 21.70 9.66 -14.38
N GLY B 228 20.72 10.00 -15.21
CA GLY B 228 21.01 10.48 -16.55
C GLY B 228 21.56 9.40 -17.46
N LYS B 229 21.16 8.16 -17.20
CA LYS B 229 21.53 7.01 -18.01
C LYS B 229 20.63 5.83 -17.63
N LEU B 230 20.76 4.73 -18.36
CA LEU B 230 20.03 3.51 -18.04
C LEU B 230 20.76 2.75 -16.96
N PRO B 231 20.03 1.92 -16.20
CA PRO B 231 20.70 1.15 -15.15
C PRO B 231 21.60 0.09 -15.76
N GLU B 232 22.66 -0.29 -15.05
CA GLU B 232 23.56 -1.32 -15.56
C GLU B 232 22.93 -2.70 -15.39
N ALA B 233 22.14 -2.87 -14.33
CA ALA B 233 21.49 -4.16 -14.11
C ALA B 233 20.09 -4.07 -13.54
N VAL B 234 19.24 -4.97 -13.99
CA VAL B 234 17.91 -5.09 -13.45
C VAL B 234 17.68 -6.53 -12.98
N VAL B 235 17.09 -6.65 -11.79
CA VAL B 235 16.91 -7.96 -11.16
C VAL B 235 15.45 -8.19 -10.80
N ALA B 236 14.90 -9.34 -11.22
CA ALA B 236 13.51 -9.68 -10.85
C ALA B 236 13.32 -11.17 -10.72
N CYS B 237 12.36 -11.54 -9.89
CA CYS B 237 12.04 -12.94 -9.70
C CYS B 237 11.26 -13.43 -10.91
N ILE B 238 11.51 -14.67 -11.30
CA ILE B 238 10.84 -15.27 -12.44
C ILE B 238 9.48 -15.82 -12.05
N GLY B 239 9.43 -16.52 -10.92
CA GLY B 239 8.20 -17.16 -10.48
C GLY B 239 7.71 -18.15 -11.52
N GLY B 240 6.41 -18.12 -11.80
CA GLY B 240 5.81 -19.01 -12.77
C GLY B 240 6.42 -18.94 -14.15
N SER B 242 7.39 -15.81 -15.75
CA SER B 242 6.81 -14.78 -16.61
C SER B 242 6.59 -13.48 -15.84
N ASN B 243 6.70 -13.57 -14.51
CA ASN B 243 6.46 -12.46 -13.59
C ASN B 243 7.19 -11.16 -13.96
N ALA B 244 8.39 -11.31 -14.55
CA ALA B 244 9.29 -10.18 -14.77
C ALA B 244 9.19 -9.55 -16.16
N GLY B 246 7.02 -7.57 -17.33
CA GLY B 246 6.68 -6.16 -17.21
C GLY B 246 7.89 -5.32 -16.93
N PHE B 248 11.20 -6.37 -17.49
CA PHE B 248 12.29 -6.66 -18.42
C PHE B 248 12.08 -6.15 -19.84
N TYR B 249 10.88 -6.35 -20.36
CA TYR B 249 10.57 -6.00 -21.75
C TYR B 249 10.94 -4.59 -22.21
N PRO B 250 10.62 -3.55 -21.41
CA PRO B 250 10.99 -2.20 -21.86
C PRO B 250 12.50 -2.00 -22.02
N PHE B 251 13.31 -2.87 -21.42
CA PHE B 251 14.76 -2.75 -21.50
C PHE B 251 15.33 -3.71 -22.55
N VAL B 252 14.48 -4.52 -23.17
CA VAL B 252 14.93 -5.60 -24.05
C VAL B 252 15.78 -5.15 -25.25
N HIS B 253 15.53 -3.93 -25.75
CA HIS B 253 16.33 -3.44 -26.88
C HIS B 253 17.52 -2.59 -26.42
N ASP B 254 17.64 -2.41 -25.10
CA ASP B 254 18.80 -1.77 -24.52
C ASP B 254 19.79 -2.84 -24.06
N GLU B 255 20.66 -3.28 -24.96
CA GLU B 255 21.52 -4.44 -24.71
C GLU B 255 22.60 -4.19 -23.67
N GLU B 256 22.89 -2.92 -23.41
CA GLU B 256 23.84 -2.55 -22.36
C GLU B 256 23.26 -2.80 -20.98
N VAL B 257 21.96 -3.10 -20.92
CA VAL B 257 21.32 -3.35 -19.63
C VAL B 257 21.24 -4.83 -19.36
N ALA B 258 21.94 -5.30 -18.32
CA ALA B 258 21.96 -6.71 -17.99
C ALA B 258 20.68 -7.12 -17.27
N LEU B 259 20.03 -8.18 -17.75
CA LEU B 259 18.77 -8.62 -17.14
C LEU B 259 18.93 -9.94 -16.39
N TYR B 260 18.59 -9.91 -15.11
CA TYR B 260 18.80 -11.07 -14.26
C TYR B 260 17.49 -11.63 -13.73
N GLY B 261 17.11 -12.78 -14.28
CA GLY B 261 15.92 -13.48 -13.83
C GLY B 261 16.28 -14.41 -12.69
N VAL B 262 15.51 -14.33 -11.62
CA VAL B 262 15.80 -15.09 -10.42
C VAL B 262 14.67 -16.10 -10.15
N GLU B 263 15.04 -17.35 -9.87
CA GLU B 263 14.04 -18.35 -9.50
C GLU B 263 14.43 -19.09 -8.22
N ALA B 264 13.45 -19.70 -7.55
CA ALA B 264 13.71 -20.47 -6.34
C ALA B 264 14.36 -21.81 -6.66
N ALA B 265 15.03 -22.40 -5.69
CA ALA B 265 15.64 -23.73 -5.85
C ALA B 265 14.80 -24.84 -5.23
N LYS B 324 13.32 -13.50 -23.20
CA LYS B 324 12.95 -14.89 -23.41
C LYS B 324 14.21 -15.72 -23.67
N ASP B 325 14.18 -16.49 -24.75
CA ASP B 325 15.36 -17.19 -25.24
C ASP B 325 16.00 -16.40 -26.39
N ILE B 326 16.06 -15.08 -26.24
CA ILE B 326 16.83 -14.24 -27.15
C ILE B 326 18.19 -13.98 -26.49
N GLY B 327 18.40 -14.64 -25.35
CA GLY B 327 19.66 -14.54 -24.64
C GLY B 327 19.79 -13.26 -23.83
N ARG B 328 18.68 -12.54 -23.68
CA ARG B 328 18.72 -11.27 -22.94
C ARG B 328 18.71 -11.51 -21.45
N VAL B 329 18.16 -12.64 -21.02
CA VAL B 329 18.01 -12.92 -19.60
C VAL B 329 18.87 -14.08 -19.14
N SER B 330 19.80 -13.83 -18.22
CA SER B 330 20.47 -14.93 -17.57
C SER B 330 19.69 -15.31 -16.32
N TYR B 331 19.60 -16.60 -16.05
CA TYR B 331 18.78 -17.10 -14.96
C TYR B 331 19.62 -17.58 -13.79
N HIS B 332 19.10 -17.40 -12.59
CA HIS B 332 19.86 -17.73 -11.39
C HIS B 332 18.95 -18.31 -10.32
N SER B 333 19.48 -19.23 -9.52
CA SER B 333 18.68 -19.82 -8.47
C SER B 333 19.14 -19.39 -7.08
N ILE B 334 18.17 -19.04 -6.24
CA ILE B 334 18.43 -18.69 -4.85
C ILE B 334 17.73 -19.71 -3.96
N THR B 335 18.46 -20.26 -2.99
CA THR B 335 17.88 -21.20 -2.03
C THR B 335 17.01 -20.49 -1.01
N ASP B 336 16.28 -21.28 -0.22
CA ASP B 336 15.41 -20.77 0.85
C ASP B 336 16.19 -20.02 1.91
N ASP B 337 17.40 -20.49 2.21
CA ASP B 337 18.23 -19.90 3.25
C ASP B 337 18.80 -18.54 2.85
N GLU B 338 19.26 -18.42 1.60
CA GLU B 338 19.77 -17.15 1.09
C GLU B 338 18.68 -16.10 1.10
N ALA B 339 17.47 -16.52 0.73
CA ALA B 339 16.32 -15.64 0.63
C ALA B 339 15.89 -15.18 2.02
N LEU B 340 16.07 -16.04 3.01
CA LEU B 340 15.78 -15.69 4.40
C LEU B 340 16.72 -14.59 4.88
N GLU B 341 18.01 -14.74 4.60
CA GLU B 341 19.00 -13.73 4.96
C GLU B 341 18.67 -12.38 4.31
N ALA B 342 18.28 -12.42 3.04
CA ALA B 342 17.95 -11.20 2.32
C ALA B 342 16.72 -10.51 2.94
N PHE B 343 15.75 -11.33 3.34
CA PHE B 343 14.54 -10.85 4.00
C PHE B 343 14.88 -10.12 5.30
N GLN B 344 15.75 -10.72 6.11
CA GLN B 344 16.18 -10.11 7.35
C GLN B 344 16.95 -8.81 7.13
N LEU B 345 17.92 -8.84 6.22
CA LEU B 345 18.73 -7.67 5.93
C LEU B 345 17.89 -6.50 5.41
N LEU B 346 17.02 -6.76 4.44
CA LEU B 346 16.20 -5.69 3.88
C LEU B 346 15.29 -5.08 4.95
N THR B 347 14.71 -5.94 5.78
CA THR B 347 13.82 -5.48 6.84
C THR B 347 14.58 -4.58 7.83
N LYS B 348 15.75 -5.02 8.26
CA LYS B 348 16.53 -4.30 9.29
C LYS B 348 17.28 -3.10 8.75
N LYS B 349 17.65 -3.12 7.47
CA LYS B 349 18.46 -2.06 6.87
C LYS B 349 17.61 -1.01 6.12
N GLU B 350 16.47 -1.42 5.57
CA GLU B 350 15.63 -0.48 4.82
C GLU B 350 14.21 -0.28 5.37
N GLY B 351 13.85 -1.00 6.43
CA GLY B 351 12.50 -0.90 6.96
C GLY B 351 11.44 -1.42 5.99
N ILE B 352 11.87 -2.28 5.08
CA ILE B 352 10.95 -2.86 4.11
C ILE B 352 10.87 -4.37 4.30
N ILE B 353 9.67 -4.87 4.61
CA ILE B 353 9.44 -6.29 4.83
C ILE B 353 8.93 -6.88 3.51
N PRO B 354 9.82 -7.61 2.80
CA PRO B 354 9.52 -8.14 1.46
C PRO B 354 8.88 -9.51 1.54
N ALA B 355 8.13 -9.90 0.50
CA ALA B 355 7.58 -11.26 0.46
C ALA B 355 8.69 -12.25 0.10
N LEU B 356 8.39 -13.55 0.15
CA LEU B 356 9.41 -14.57 -0.08
C LEU B 356 9.99 -14.58 -1.50
N GLU B 357 9.16 -14.28 -2.50
CA GLU B 357 9.68 -14.33 -3.87
C GLU B 357 10.61 -13.14 -4.09
N SER B 358 10.19 -11.98 -3.61
CA SER B 358 11.02 -10.78 -3.66
C SER B 358 12.36 -10.98 -2.98
N SER B 359 12.33 -11.69 -1.84
CA SER B 359 13.53 -11.96 -1.07
C SER B 359 14.54 -12.75 -1.89
N HIS B 360 14.05 -13.56 -2.83
CA HIS B 360 14.94 -14.29 -3.71
C HIS B 360 15.64 -13.28 -4.60
N ALA B 361 14.89 -12.31 -5.13
CA ALA B 361 15.47 -11.26 -5.97
C ALA B 361 16.53 -10.46 -5.20
N VAL B 362 16.14 -9.93 -4.04
CA VAL B 362 17.05 -9.20 -3.18
C VAL B 362 18.31 -10.02 -2.92
N ALA B 363 18.12 -11.31 -2.65
CA ALA B 363 19.23 -12.22 -2.35
C ALA B 363 20.22 -12.31 -3.49
N TYR B 364 19.73 -12.32 -4.73
CA TYR B 364 20.66 -12.40 -5.85
C TYR B 364 21.43 -11.10 -5.98
N ALA B 365 20.72 -9.99 -5.81
CA ALA B 365 21.32 -8.67 -5.88
C ALA B 365 22.43 -8.53 -4.84
N LEU B 366 22.23 -9.16 -3.68
CA LEU B 366 23.24 -9.18 -2.63
C LEU B 366 24.52 -9.89 -3.07
N LYS B 367 24.43 -10.74 -4.09
CA LYS B 367 25.60 -11.40 -4.68
C LYS B 367 26.19 -10.55 -5.80
N LEU B 368 25.31 -9.84 -6.50
CA LEU B 368 25.69 -9.10 -7.70
C LEU B 368 26.31 -7.75 -7.35
N ALA B 369 25.65 -6.99 -6.49
CA ALA B 369 26.07 -5.63 -6.14
C ALA B 369 27.56 -5.45 -5.79
N PRO B 370 28.11 -6.32 -4.91
CA PRO B 370 29.53 -6.13 -4.53
C PRO B 370 30.52 -6.27 -5.68
N GLN B 371 30.06 -6.83 -6.79
CA GLN B 371 30.96 -7.09 -7.92
C GLN B 371 30.95 -5.96 -8.93
N LYS B 373 30.73 -1.69 -9.94
CA LYS B 373 31.37 -0.45 -9.51
C LYS B 373 30.41 0.49 -8.79
N GLU B 374 30.97 1.43 -8.02
CA GLU B 374 30.16 2.35 -7.22
C GLU B 374 29.34 3.32 -8.08
N ASP B 375 29.88 3.71 -9.23
CA ASP B 375 29.17 4.60 -10.15
C ASP B 375 28.15 3.85 -11.01
N GLU B 376 27.95 2.57 -10.73
CA GLU B 376 26.93 1.80 -11.44
C GLU B 376 25.68 1.61 -10.59
N GLY B 377 24.58 1.29 -11.25
CA GLY B 377 23.30 1.15 -10.59
C GLY B 377 22.61 -0.15 -10.93
N LEU B 378 21.93 -0.68 -9.93
CA LEU B 378 21.25 -1.97 -10.02
C LEU B 378 19.84 -1.75 -9.48
N VAL B 379 18.84 -2.15 -10.27
CA VAL B 379 17.45 -2.06 -9.86
C VAL B 379 16.87 -3.43 -9.52
N ILE B 380 16.26 -3.54 -8.33
CA ILE B 380 15.56 -4.76 -7.94
C ILE B 380 14.06 -4.50 -7.94
N CYS B 381 13.31 -5.37 -8.62
CA CYS B 381 11.85 -5.27 -8.58
C CYS B 381 11.27 -5.91 -7.30
N LEU B 382 10.53 -5.15 -6.52
CA LEU B 382 9.90 -5.70 -5.31
C LEU B 382 8.40 -5.85 -5.48
N SER B 383 7.87 -7.04 -5.20
CA SER B 383 6.44 -7.28 -5.35
C SER B 383 5.92 -8.19 -4.24
N GLY B 384 4.69 -7.94 -3.77
CA GLY B 384 4.10 -8.75 -2.73
C GLY B 384 4.52 -8.25 -1.35
N ARG B 385 3.67 -8.47 -0.36
CA ARG B 385 3.94 -7.96 0.99
C ARG B 385 4.20 -9.09 1.98
N GLY B 386 5.38 -9.07 2.61
CA GLY B 386 5.74 -10.12 3.54
C GLY B 386 4.96 -10.06 4.85
N ASP B 387 4.24 -8.97 5.07
CA ASP B 387 3.48 -8.81 6.31
C ASP B 387 2.01 -8.49 6.05
N LYS B 388 1.42 -9.14 5.05
CA LYS B 388 0.02 -8.86 4.71
C LYS B 388 -0.91 -9.36 5.82
N ASP B 389 -0.58 -10.52 6.38
CA ASP B 389 -1.38 -11.13 7.45
C ASP B 389 -0.50 -12.04 8.30
N VAL B 390 -1.07 -12.59 9.38
CA VAL B 390 -0.33 -13.44 10.30
C VAL B 390 0.22 -14.70 9.64
N GLU B 391 -0.65 -15.40 8.90
CA GLU B 391 -0.27 -16.60 8.16
C GLU B 391 0.98 -16.38 7.29
N SER B 392 1.14 -15.17 6.75
CA SER B 392 2.27 -14.86 5.88
C SER B 392 3.58 -14.54 6.62
N ILE B 393 3.47 -13.93 7.79
CA ILE B 393 4.65 -13.50 8.53
C ILE B 393 5.20 -14.58 9.46
N LYS B 394 4.46 -15.66 9.63
CA LYS B 394 4.84 -16.74 10.54
C LYS B 394 6.29 -17.23 10.34
N ARG B 395 6.77 -17.17 9.10
CA ARG B 395 8.18 -17.45 8.82
C ARG B 395 9.08 -16.34 9.36
#